data_4JDN
#
_entry.id   4JDN
#
_cell.length_a   78.604
_cell.length_b   78.604
_cell.length_c   129.067
_cell.angle_alpha   90.00
_cell.angle_beta   90.00
_cell.angle_gamma   120.00
#
_symmetry.space_group_name_H-M   'P 32 2 1'
#
loop_
_entity.id
_entity.type
_entity.pdbx_description
1 polymer 'Virulence plasmid protein pGP3-D'
2 non-polymer 'POTASSIUM ION'
3 non-polymer GLYCEROL
4 water water
#
_entity_poly.entity_id   1
_entity_poly.type   'polypeptide(L)'
_entity_poly.pdbx_seq_one_letter_code
;SLGLLKAFNNFPITNKIQCNGLFTPSNIETLLGGTEIGKFTVTPKSSGS(MSE)FLVSADIIASR(MSE)EGGVVLALVR
EGDSKPCAISYGYSSGVPNLCSLRTSITNTGLTPTTYSLRVGGLESGVVWVNALSNGNDILGITNTSNVSFLEVIPQTNA
;
_entity_poly.pdbx_strand_id   A,B,C
#
loop_
_chem_comp.id
_chem_comp.type
_chem_comp.name
_chem_comp.formula
GOL non-polymer GLYCEROL 'C3 H8 O3'
K non-polymer 'POTASSIUM ION' 'K 1'
#
# COMPACT_ATOMS: atom_id res chain seq x y z
N LYS A 6 -3.47 -18.61 -14.74
CA LYS A 6 -2.52 -17.59 -14.31
C LYS A 6 -2.05 -17.86 -12.88
N ALA A 7 -0.77 -17.63 -12.64
CA ALA A 7 -0.17 -17.93 -11.34
C ALA A 7 -0.51 -16.86 -10.31
N PHE A 8 -0.83 -17.31 -9.10
CA PHE A 8 -0.80 -16.45 -7.93
C PHE A 8 -0.11 -17.18 -6.78
N ASN A 9 0.70 -16.46 -6.01
CA ASN A 9 1.27 -17.00 -4.77
C ASN A 9 1.47 -15.87 -3.78
N ASN A 10 1.18 -16.16 -2.51
CA ASN A 10 1.53 -15.26 -1.43
C ASN A 10 2.58 -15.86 -0.51
N PHE A 11 3.50 -15.02 -0.07
CA PHE A 11 4.60 -15.48 0.78
C PHE A 11 4.65 -14.65 2.06
N PRO A 12 4.10 -15.20 3.14
CA PRO A 12 4.19 -14.49 4.42
C PRO A 12 5.61 -14.55 4.99
N ILE A 13 5.96 -13.49 5.70
CA ILE A 13 7.26 -13.36 6.34
C ILE A 13 7.00 -12.97 7.79
N THR A 14 7.34 -13.85 8.74
CA THR A 14 7.06 -13.59 10.16
C THR A 14 8.30 -13.48 11.06
N ASN A 15 9.47 -13.86 10.56
CA ASN A 15 10.71 -13.68 11.34
C ASN A 15 10.96 -12.21 11.70
N LYS A 16 11.52 -11.98 12.89
CA LYS A 16 12.12 -10.69 13.20
C LYS A 16 13.51 -10.63 12.56
N ILE A 17 13.75 -9.62 11.74
CA ILE A 17 15.00 -9.56 10.99
C ILE A 17 15.67 -8.22 11.14
N GLN A 18 16.90 -8.24 11.63
CA GLN A 18 17.67 -7.01 11.75
C GLN A 18 18.39 -6.74 10.43
N CYS A 19 17.98 -5.67 9.75
CA CYS A 19 18.56 -5.34 8.47
C CYS A 19 19.66 -4.29 8.65
N ASN A 20 20.89 -4.78 8.76
CA ASN A 20 22.07 -3.94 8.91
C ASN A 20 22.62 -3.44 7.59
N GLY A 21 22.27 -4.11 6.50
CA GLY A 21 22.75 -3.70 5.20
C GLY A 21 22.09 -2.40 4.75
N LEU A 22 22.89 -1.41 4.40
CA LEU A 22 22.34 -0.14 3.95
C LEU A 22 22.14 -0.12 2.44
N PHE A 23 21.33 0.82 1.99
CA PHE A 23 21.27 1.12 0.57
C PHE A 23 21.90 2.48 0.36
N THR A 24 22.87 2.53 -0.56
CA THR A 24 23.66 3.73 -0.78
C THR A 24 23.75 3.95 -2.28
N PRO A 25 24.15 5.15 -2.69
CA PRO A 25 24.30 5.37 -4.13
C PRO A 25 25.33 4.42 -4.75
N SER A 26 26.28 3.93 -3.97
CA SER A 26 27.29 3.04 -4.56
C SER A 26 26.88 1.56 -4.60
N ASN A 27 25.88 1.16 -3.81
CA ASN A 27 25.41 -0.24 -3.90
C ASN A 27 24.01 -0.47 -4.50
N ILE A 28 23.26 0.61 -4.77
CA ILE A 28 21.87 0.47 -5.22
C ILE A 28 21.74 -0.27 -6.56
N GLU A 29 22.71 -0.11 -7.46
CA GLU A 29 22.67 -0.85 -8.72
C GLU A 29 23.61 -2.05 -8.70
N THR A 30 23.63 -2.76 -7.57
CA THR A 30 24.40 -3.99 -7.45
C THR A 30 23.52 -5.01 -6.77
N LEU A 31 24.09 -6.14 -6.38
CA LEU A 31 23.36 -7.14 -5.61
C LEU A 31 23.67 -7.02 -4.13
N LEU A 32 24.39 -5.97 -3.77
CA LEU A 32 24.95 -5.89 -2.42
C LEU A 32 24.19 -5.03 -1.42
N GLY A 33 23.16 -4.33 -1.87
CA GLY A 33 22.42 -3.45 -0.97
C GLY A 33 21.45 -4.20 -0.06
N GLY A 34 21.28 -3.67 1.14
CA GLY A 34 20.29 -4.18 2.07
C GLY A 34 20.55 -5.55 2.65
N THR A 35 19.50 -6.11 3.24
CA THR A 35 19.50 -7.42 3.85
C THR A 35 18.33 -8.21 3.26
N GLU A 36 18.61 -9.41 2.74
CA GLU A 36 17.54 -10.26 2.19
C GLU A 36 16.58 -10.71 3.29
N ILE A 37 15.28 -10.56 3.05
CA ILE A 37 14.28 -10.96 4.04
C ILE A 37 13.36 -12.05 3.51
N GLY A 38 13.50 -12.37 2.23
CA GLY A 38 12.71 -13.42 1.63
C GLY A 38 13.21 -13.76 0.23
N LYS A 39 12.94 -14.98 -0.20
CA LYS A 39 13.28 -15.40 -1.56
C LYS A 39 12.14 -16.28 -2.07
N PHE A 40 11.64 -15.98 -3.26
CA PHE A 40 10.40 -16.60 -3.75
C PHE A 40 10.53 -17.09 -5.19
N THR A 41 10.00 -18.27 -5.47
CA THR A 41 10.08 -18.83 -6.81
C THR A 41 8.69 -18.93 -7.41
N VAL A 42 8.48 -18.25 -8.53
CA VAL A 42 7.17 -18.25 -9.17
C VAL A 42 7.32 -18.68 -10.62
N THR A 43 6.25 -19.26 -11.16
CA THR A 43 6.28 -19.78 -12.53
C THR A 43 5.10 -19.27 -13.31
N PRO A 44 5.36 -18.43 -14.33
CA PRO A 44 4.24 -17.92 -15.13
C PRO A 44 3.57 -19.04 -15.91
N LYS A 45 2.26 -18.98 -16.04
CA LYS A 45 1.53 -19.98 -16.83
C LYS A 45 1.27 -19.43 -18.21
N SER A 46 1.48 -18.13 -18.37
CA SER A 46 1.22 -17.48 -19.64
C SER A 46 2.44 -16.78 -20.17
N SER A 47 2.71 -16.95 -21.46
CA SER A 47 3.82 -16.25 -22.09
C SER A 47 3.43 -14.79 -22.27
N GLY A 48 4.41 -13.90 -22.17
CA GLY A 48 4.15 -12.48 -22.36
C GLY A 48 3.30 -11.82 -21.29
N SER A 49 3.19 -12.47 -20.13
CA SER A 49 2.45 -11.91 -19.01
C SER A 49 3.34 -11.02 -18.14
N MSE A 50 2.75 -10.49 -17.08
CA MSE A 50 3.47 -9.74 -16.06
CA MSE A 50 3.53 -9.80 -16.07
C MSE A 50 3.10 -10.29 -14.69
O MSE A 50 2.07 -10.95 -14.56
CB MSE A 50 3.09 -8.25 -16.09
CB MSE A 50 3.37 -8.27 -16.19
CG MSE A 50 3.25 -7.56 -17.43
CG MSE A 50 3.94 -7.71 -17.50
SE MSE A 50 2.95 -5.64 -17.31
SE MSE A 50 4.05 -5.77 -17.64
CE MSE A 50 4.71 -5.10 -16.64
CE MSE A 50 2.21 -5.35 -17.20
N PHE A 51 3.92 -10.01 -13.68
CA PHE A 51 3.53 -10.29 -12.31
C PHE A 51 3.28 -8.96 -11.63
N LEU A 52 2.10 -8.82 -11.05
CA LEU A 52 1.82 -7.70 -10.18
C LEU A 52 2.37 -8.11 -8.82
N VAL A 53 3.39 -7.39 -8.36
CA VAL A 53 4.10 -7.76 -7.14
C VAL A 53 3.80 -6.72 -6.07
N SER A 54 3.42 -7.22 -4.89
CA SER A 54 3.18 -6.36 -3.74
C SER A 54 3.93 -6.88 -2.53
N ALA A 55 4.92 -6.11 -2.08
CA ALA A 55 5.59 -6.42 -0.82
C ALA A 55 5.12 -5.43 0.24
N ASP A 56 4.53 -5.93 1.32
CA ASP A 56 4.06 -5.06 2.38
C ASP A 56 4.71 -5.48 3.69
N ILE A 57 5.71 -4.70 4.09
CA ILE A 57 6.63 -5.10 5.13
C ILE A 57 6.54 -4.22 6.37
N ILE A 58 6.23 -4.83 7.52
CA ILE A 58 6.23 -4.12 8.80
C ILE A 58 7.67 -3.86 9.21
N ALA A 59 8.03 -2.59 9.42
CA ALA A 59 9.41 -2.21 9.72
C ALA A 59 9.49 -1.09 10.74
N SER A 60 10.54 -1.10 11.54
CA SER A 60 10.81 -0.01 12.45
C SER A 60 12.25 0.43 12.30
N ARG A 61 12.49 1.72 12.44
CA ARG A 61 13.84 2.21 12.61
C ARG A 61 13.75 3.55 13.32
N MSE A 62 14.83 3.95 13.98
CA MSE A 62 14.93 5.30 14.52
CA MSE A 62 14.89 5.29 14.52
C MSE A 62 14.80 6.23 13.33
O MSE A 62 15.48 6.04 12.33
CB MSE A 62 16.27 5.51 15.21
CB MSE A 62 16.17 5.51 15.33
CG MSE A 62 16.51 4.63 16.43
CG MSE A 62 16.27 4.65 16.59
SE MSE A 62 15.28 4.99 17.91
SE MSE A 62 14.72 4.80 17.79
CE MSE A 62 16.08 6.66 18.59
CE MSE A 62 15.30 3.54 19.18
N GLU A 63 13.92 7.22 13.45
CA GLU A 63 13.64 8.25 12.44
C GLU A 63 14.46 8.20 11.14
N GLY A 64 13.82 7.87 10.02
CA GLY A 64 14.51 7.85 8.74
C GLY A 64 13.85 7.00 7.68
N GLY A 65 14.53 6.86 6.54
CA GLY A 65 14.01 6.15 5.40
C GLY A 65 14.33 4.67 5.36
N VAL A 66 13.43 3.89 4.79
CA VAL A 66 13.61 2.48 4.55
C VAL A 66 13.62 2.31 3.05
N VAL A 67 14.52 1.46 2.55
CA VAL A 67 14.53 1.12 1.12
C VAL A 67 14.21 -0.35 0.92
N LEU A 68 13.42 -0.63 -0.11
CA LEU A 68 13.06 -2.01 -0.48
C LEU A 68 13.53 -2.26 -1.90
N ALA A 69 14.17 -3.40 -2.12
CA ALA A 69 14.62 -3.75 -3.47
C ALA A 69 14.25 -5.18 -3.84
N LEU A 70 13.69 -5.34 -5.03
CA LEU A 70 13.39 -6.68 -5.56
C LEU A 70 14.43 -7.05 -6.63
N VAL A 71 15.03 -8.22 -6.45
CA VAL A 71 16.12 -8.66 -7.34
C VAL A 71 15.74 -9.99 -7.99
N ARG A 72 15.73 -10.02 -9.32
CA ARG A 72 15.49 -11.25 -10.06
C ARG A 72 16.80 -12.04 -10.14
N GLU A 73 16.81 -13.27 -9.64
CA GLU A 73 18.02 -14.07 -9.66
C GLU A 73 18.50 -14.23 -11.09
N GLY A 74 19.76 -13.90 -11.35
CA GLY A 74 20.25 -13.86 -12.72
C GLY A 74 20.55 -12.44 -13.19
N ASP A 75 19.93 -11.44 -12.57
CA ASP A 75 20.23 -10.04 -12.87
C ASP A 75 21.40 -9.54 -12.03
N SER A 76 21.92 -8.38 -12.39
CA SER A 76 23.07 -7.80 -11.70
C SER A 76 22.67 -6.63 -10.81
N LYS A 77 21.39 -6.27 -10.85
CA LYS A 77 20.86 -5.20 -9.99
C LYS A 77 19.36 -5.40 -9.79
N PRO A 78 18.75 -4.58 -8.90
CA PRO A 78 17.30 -4.73 -8.66
C PRO A 78 16.44 -4.45 -9.88
N CYS A 79 15.30 -5.12 -9.98
CA CYS A 79 14.33 -4.79 -11.01
C CYS A 79 13.23 -3.86 -10.47
N ALA A 80 13.23 -3.61 -9.17
CA ALA A 80 12.28 -2.66 -8.60
C ALA A 80 12.76 -2.15 -7.25
N ILE A 81 12.55 -0.85 -7.01
CA ILE A 81 13.00 -0.19 -5.79
C ILE A 81 11.89 0.68 -5.26
N SER A 82 11.64 0.60 -3.95
CA SER A 82 10.62 1.43 -3.32
C SER A 82 11.15 1.94 -2.00
N TYR A 83 10.34 2.77 -1.33
CA TYR A 83 10.77 3.57 -0.19
C TYR A 83 9.67 3.58 0.86
N GLY A 84 10.08 3.52 2.12
CA GLY A 84 9.20 3.53 3.26
C GLY A 84 9.77 4.42 4.34
N TYR A 85 9.05 4.52 5.45
CA TYR A 85 9.43 5.44 6.52
C TYR A 85 9.02 4.91 7.87
N SER A 86 9.88 5.11 8.86
CA SER A 86 9.51 4.89 10.25
C SER A 86 10.06 5.99 11.13
N SER A 87 9.23 6.44 12.09
CA SER A 87 9.59 7.43 13.11
C SER A 87 10.23 6.77 14.32
N GLY A 88 10.31 5.44 14.31
CA GLY A 88 10.63 4.70 15.52
C GLY A 88 9.53 3.72 15.85
N VAL A 89 8.28 4.08 15.53
CA VAL A 89 7.20 3.12 15.69
C VAL A 89 7.05 2.34 14.38
N PRO A 90 6.61 1.07 14.49
CA PRO A 90 6.42 0.23 13.30
C PRO A 90 5.50 0.90 12.30
N ASN A 91 5.80 0.71 11.01
CA ASN A 91 4.97 1.24 9.93
C ASN A 91 5.09 0.28 8.75
N LEU A 92 4.05 0.21 7.93
CA LEU A 92 4.08 -0.64 6.76
C LEU A 92 4.94 0.04 5.69
N CYS A 93 5.91 -0.71 5.18
CA CYS A 93 6.79 -0.22 4.15
C CYS A 93 6.56 -1.09 2.92
N SER A 94 6.25 -0.48 1.79
CA SER A 94 5.73 -1.22 0.65
C SER A 94 6.48 -1.01 -0.65
N LEU A 95 6.47 -2.05 -1.48
CA LEU A 95 6.93 -2.00 -2.85
C LEU A 95 5.80 -2.57 -3.70
N ARG A 96 5.41 -1.84 -4.74
CA ARG A 96 4.39 -2.34 -5.64
C ARG A 96 4.83 -2.09 -7.06
N THR A 97 4.90 -3.15 -7.85
CA THR A 97 5.48 -3.07 -9.17
C THR A 97 4.82 -4.10 -10.10
N SER A 98 5.02 -3.89 -11.39
CA SER A 98 4.60 -4.84 -12.42
C SER A 98 5.86 -5.25 -13.14
N ILE A 99 6.10 -6.55 -13.21
CA ILE A 99 7.32 -7.07 -13.78
C ILE A 99 7.03 -8.00 -14.95
N THR A 100 7.73 -7.79 -16.06
CA THR A 100 7.51 -8.57 -17.27
C THR A 100 8.10 -9.97 -17.15
N ASN A 101 7.36 -10.96 -17.63
CA ASN A 101 7.83 -12.34 -17.63
C ASN A 101 8.40 -12.74 -18.99
N THR A 102 9.46 -13.53 -18.97
CA THR A 102 10.02 -14.07 -20.21
C THR A 102 9.88 -15.59 -20.20
N GLY A 103 8.83 -16.10 -20.83
CA GLY A 103 8.65 -17.53 -20.94
C GLY A 103 8.03 -18.15 -19.70
N LEU A 104 8.15 -19.47 -19.61
CA LEU A 104 7.40 -20.27 -18.64
C LEU A 104 8.25 -20.98 -17.59
N THR A 105 9.53 -20.64 -17.50
CA THR A 105 10.38 -21.28 -16.52
C THR A 105 10.23 -20.64 -15.15
N PRO A 106 10.38 -21.42 -14.07
CA PRO A 106 10.36 -20.86 -12.72
C PRO A 106 11.40 -19.76 -12.59
N THR A 107 11.02 -18.66 -11.96
CA THR A 107 11.94 -17.55 -11.77
C THR A 107 11.98 -17.23 -10.28
N THR A 108 13.17 -16.94 -9.78
CA THR A 108 13.38 -16.69 -8.36
C THR A 108 13.68 -15.21 -8.10
N TYR A 109 12.94 -14.63 -7.17
CA TYR A 109 13.09 -13.23 -6.76
C TYR A 109 13.47 -13.14 -5.29
N SER A 110 14.32 -12.17 -4.99
CA SER A 110 14.77 -11.91 -3.63
C SER A 110 14.37 -10.49 -3.22
N LEU A 111 13.86 -10.34 -2.00
CA LEU A 111 13.48 -9.03 -1.48
C LEU A 111 14.50 -8.60 -0.45
N ARG A 112 15.10 -7.41 -0.65
CA ARG A 112 16.05 -6.88 0.32
C ARG A 112 15.52 -5.59 0.92
N VAL A 113 15.80 -5.40 2.19
CA VAL A 113 15.34 -4.22 2.91
C VAL A 113 16.55 -3.65 3.66
N GLY A 114 16.65 -2.33 3.70
CA GLY A 114 17.71 -1.70 4.44
C GLY A 114 17.49 -0.22 4.61
N GLY A 115 18.34 0.41 5.41
CA GLY A 115 18.22 1.85 5.63
C GLY A 115 18.58 2.64 4.39
N LEU A 116 17.90 3.77 4.21
CA LEU A 116 18.27 4.74 3.18
C LEU A 116 19.51 5.49 3.63
N GLU A 117 20.66 5.06 3.13
CA GLU A 117 21.97 5.67 3.40
C GLU A 117 22.54 5.50 4.81
N SER A 118 21.67 5.34 5.80
CA SER A 118 22.14 5.09 7.17
C SER A 118 21.05 4.43 8.00
N GLY A 119 21.42 3.93 9.18
CA GLY A 119 20.44 3.42 10.12
C GLY A 119 20.20 1.92 10.04
N VAL A 120 19.75 1.34 11.13
CA VAL A 120 19.37 -0.07 11.15
C VAL A 120 17.86 -0.20 11.02
N VAL A 121 17.41 -1.12 10.18
CA VAL A 121 15.98 -1.37 10.01
C VAL A 121 15.62 -2.74 10.60
N TRP A 122 14.65 -2.77 11.50
CA TRP A 122 14.12 -4.04 11.99
C TRP A 122 12.84 -4.37 11.24
N VAL A 123 12.77 -5.60 10.71
CA VAL A 123 11.55 -6.06 10.06
C VAL A 123 10.76 -6.94 11.03
N ASN A 124 9.44 -6.70 11.11
CA ASN A 124 8.54 -7.42 12.02
C ASN A 124 8.88 -7.28 13.51
N ALA A 125 9.50 -6.18 13.89
CA ALA A 125 9.88 -5.97 15.28
C ALA A 125 9.92 -4.48 15.58
N LEU A 126 10.00 -4.13 16.86
CA LEU A 126 10.24 -2.75 17.27
C LEU A 126 11.68 -2.37 16.92
N SER A 127 12.02 -1.10 17.11
CA SER A 127 13.35 -0.60 16.72
C SER A 127 14.50 -1.21 17.52
N ASN A 128 14.17 -1.90 18.60
CA ASN A 128 15.18 -2.57 19.42
C ASN A 128 15.16 -4.09 19.26
N GLY A 129 14.36 -4.56 18.31
CA GLY A 129 14.32 -5.99 18.02
C GLY A 129 13.27 -6.74 18.80
N ASN A 130 12.58 -6.05 19.71
CA ASN A 130 11.52 -6.69 20.50
C ASN A 130 10.26 -6.93 19.67
N ASP A 131 9.46 -7.91 20.10
CA ASP A 131 8.17 -8.21 19.48
C ASP A 131 7.26 -6.98 19.54
N ILE A 132 6.55 -6.69 18.46
CA ILE A 132 5.60 -5.60 18.50
C ILE A 132 4.36 -6.09 19.22
N LEU A 133 3.92 -5.35 20.24
CA LEU A 133 2.77 -5.72 21.08
C LEU A 133 2.91 -7.13 21.67
N GLY A 134 4.16 -7.56 21.82
CA GLY A 134 4.47 -8.84 22.44
C GLY A 134 4.08 -10.06 21.63
N ILE A 135 3.76 -9.89 20.36
CA ILE A 135 3.35 -11.02 19.55
C ILE A 135 4.21 -11.18 18.28
N THR A 136 4.06 -12.33 17.63
CA THR A 136 4.58 -12.55 16.28
C THR A 136 3.73 -11.77 15.28
N ASN A 137 4.41 -11.07 14.40
CA ASN A 137 3.76 -10.25 13.38
C ASN A 137 4.10 -10.72 11.98
N THR A 138 3.27 -10.34 11.01
CA THR A 138 3.31 -10.92 9.68
C THR A 138 3.42 -9.87 8.58
N SER A 139 4.42 -10.02 7.73
CA SER A 139 4.54 -9.21 6.53
C SER A 139 4.21 -10.15 5.36
N ASN A 140 4.00 -9.60 4.18
CA ASN A 140 3.59 -10.40 3.01
C ASN A 140 4.25 -9.93 1.71
N VAL A 141 4.53 -10.89 0.84
CA VAL A 141 4.90 -10.55 -0.53
C VAL A 141 4.04 -11.43 -1.42
N SER A 142 3.28 -10.80 -2.32
CA SER A 142 2.45 -11.55 -3.25
C SER A 142 2.80 -11.30 -4.71
N PHE A 143 2.53 -12.30 -5.55
CA PHE A 143 2.80 -12.27 -6.98
C PHE A 143 1.52 -12.71 -7.67
N LEU A 144 0.97 -11.83 -8.50
CA LEU A 144 -0.26 -12.10 -9.25
C LEU A 144 0.01 -11.99 -10.75
N GLU A 145 -0.16 -13.08 -11.47
CA GLU A 145 0.14 -13.05 -12.90
C GLU A 145 -1.04 -12.43 -13.63
N VAL A 146 -0.73 -11.48 -14.51
CA VAL A 146 -1.75 -10.77 -15.29
C VAL A 146 -1.31 -10.58 -16.73
N ILE A 147 -2.27 -10.48 -17.64
CA ILE A 147 -2.00 -10.24 -19.05
C ILE A 147 -2.20 -8.78 -19.39
N PRO A 148 -1.13 -8.09 -19.79
CA PRO A 148 -1.21 -6.65 -20.04
C PRO A 148 -1.84 -6.31 -21.39
N GLN A 149 -2.32 -5.08 -21.52
CA GLN A 149 -2.93 -4.58 -22.74
C GLN A 149 -1.94 -3.67 -23.47
N ALA B 7 -9.05 -7.02 -18.34
CA ALA B 7 -7.93 -6.19 -18.78
C ALA B 7 -7.04 -5.78 -17.61
N PHE B 8 -5.73 -5.79 -17.82
CA PHE B 8 -4.78 -5.15 -16.91
C PHE B 8 -3.98 -4.11 -17.68
N ASN B 9 -3.78 -2.94 -17.08
CA ASN B 9 -2.92 -1.91 -17.67
C ASN B 9 -2.07 -1.28 -16.59
N ASN B 10 -0.77 -1.24 -16.80
CA ASN B 10 0.12 -0.54 -15.88
C ASN B 10 0.76 0.68 -16.55
N PHE B 11 0.90 1.76 -15.80
CA PHE B 11 1.44 2.99 -16.36
C PHE B 11 2.55 3.50 -15.45
N PRO B 12 3.81 3.17 -15.77
CA PRO B 12 4.91 3.64 -14.93
C PRO B 12 5.13 5.14 -15.10
N ILE B 13 5.56 5.80 -14.03
CA ILE B 13 5.88 7.22 -14.08
C ILE B 13 7.31 7.33 -13.55
N THR B 14 8.22 7.83 -14.37
CA THR B 14 9.64 7.84 -14.02
C THR B 14 10.26 9.23 -13.92
N ASN B 15 9.60 10.22 -14.49
CA ASN B 15 10.12 11.58 -14.45
C ASN B 15 10.21 12.12 -13.02
N LYS B 16 11.20 12.97 -12.77
CA LYS B 16 11.26 13.77 -11.54
C LYS B 16 10.35 14.97 -11.70
N ILE B 17 9.29 15.04 -10.88
CA ILE B 17 8.27 16.05 -11.05
C ILE B 17 8.08 16.91 -9.80
N GLN B 18 8.23 18.22 -9.96
CA GLN B 18 7.93 19.14 -8.87
C GLN B 18 6.43 19.42 -8.81
N CYS B 19 5.79 18.85 -7.80
CA CYS B 19 4.36 19.04 -7.61
C CYS B 19 4.12 20.26 -6.72
N ASN B 20 4.07 21.42 -7.37
CA ASN B 20 3.93 22.68 -6.66
C ASN B 20 2.48 23.09 -6.52
N GLY B 21 1.57 22.35 -7.14
CA GLY B 21 0.16 22.69 -7.03
C GLY B 21 -0.36 22.19 -5.68
N LEU B 22 -0.84 23.09 -4.83
CA LEU B 22 -1.36 22.70 -3.52
C LEU B 22 -2.75 22.11 -3.60
N PHE B 23 -3.13 21.31 -2.60
CA PHE B 23 -4.52 20.96 -2.38
C PHE B 23 -5.01 21.71 -1.16
N THR B 24 -6.11 22.46 -1.33
CA THR B 24 -6.65 23.30 -0.26
C THR B 24 -8.15 23.06 -0.14
N PRO B 25 -8.77 23.50 0.97
CA PRO B 25 -10.23 23.32 1.07
C PRO B 25 -10.96 24.03 -0.05
N SER B 26 -10.36 25.10 -0.57
CA SER B 26 -10.97 25.84 -1.66
C SER B 26 -10.87 25.14 -3.03
N ASN B 27 -9.83 24.35 -3.27
CA ASN B 27 -9.67 23.73 -4.59
C ASN B 27 -9.85 22.20 -4.67
N ILE B 28 -10.09 21.56 -3.53
CA ILE B 28 -10.12 20.10 -3.50
C ILE B 28 -11.24 19.51 -4.38
N GLU B 29 -12.38 20.18 -4.43
CA GLU B 29 -13.46 19.70 -5.28
C GLU B 29 -13.51 20.51 -6.57
N THR B 30 -12.34 20.75 -7.14
CA THR B 30 -12.24 21.41 -8.44
C THR B 30 -11.21 20.64 -9.22
N LEU B 31 -10.86 21.12 -10.40
CA LEU B 31 -9.81 20.47 -11.17
C LEU B 31 -8.48 21.15 -10.93
N LEU B 32 -8.46 22.14 -10.03
CA LEU B 32 -7.30 23.03 -9.92
C LEU B 32 -6.25 22.58 -8.89
N GLY B 33 -6.60 21.59 -8.09
CA GLY B 33 -5.68 21.14 -7.06
C GLY B 33 -4.58 20.23 -7.57
N GLY B 34 -3.41 20.31 -6.94
CA GLY B 34 -2.32 19.40 -7.25
C GLY B 34 -1.64 19.70 -8.57
N THR B 35 -0.67 18.86 -8.91
CA THR B 35 0.05 18.90 -10.19
C THR B 35 -0.18 17.55 -10.86
N GLU B 36 -0.57 17.57 -12.14
CA GLU B 36 -0.76 16.32 -12.85
C GLU B 36 0.56 15.59 -13.06
N ILE B 37 0.63 14.32 -12.64
CA ILE B 37 1.85 13.56 -12.83
C ILE B 37 1.72 12.47 -13.89
N GLY B 38 0.49 12.22 -14.33
CA GLY B 38 0.25 11.24 -15.37
C GLY B 38 -1.18 11.23 -15.86
N LYS B 39 -1.36 10.78 -17.10
CA LYS B 39 -2.68 10.68 -17.69
C LYS B 39 -2.78 9.28 -18.29
N PHE B 40 -3.90 8.60 -18.11
CA PHE B 40 -4.01 7.18 -18.49
C PHE B 40 -5.33 6.89 -19.19
N THR B 41 -5.24 6.32 -20.38
CA THR B 41 -6.44 5.95 -21.13
C THR B 41 -6.63 4.45 -21.11
N VAL B 42 -7.78 4.01 -20.62
CA VAL B 42 -8.09 2.58 -20.55
C VAL B 42 -9.45 2.30 -21.16
N THR B 43 -9.63 1.07 -21.63
CA THR B 43 -10.89 0.66 -22.24
C THR B 43 -11.35 -0.64 -21.60
N PRO B 44 -12.52 -0.61 -20.95
CA PRO B 44 -13.01 -1.83 -20.31
C PRO B 44 -13.33 -2.88 -21.36
N LYS B 45 -12.90 -4.12 -21.15
CA LYS B 45 -13.20 -5.18 -22.10
C LYS B 45 -14.55 -5.83 -21.82
N SER B 46 -14.94 -5.87 -20.55
CA SER B 46 -16.20 -6.47 -20.14
C SER B 46 -17.18 -5.41 -19.60
N SER B 47 -18.47 -5.58 -19.89
CA SER B 47 -19.47 -4.69 -19.33
C SER B 47 -19.78 -5.09 -17.88
N GLY B 48 -20.27 -4.14 -17.10
CA GLY B 48 -20.58 -4.36 -15.70
C GLY B 48 -19.36 -4.43 -14.80
N SER B 49 -18.18 -4.23 -15.39
CA SER B 49 -16.92 -4.45 -14.70
C SER B 49 -16.50 -3.25 -13.85
N MSE B 50 -15.51 -3.47 -12.99
CA MSE B 50 -14.87 -2.39 -12.27
C MSE B 50 -13.38 -2.35 -12.59
O MSE B 50 -12.81 -3.37 -13.00
CB MSE B 50 -15.05 -2.56 -10.76
CG MSE B 50 -16.48 -2.60 -10.30
SE MSE B 50 -16.60 -2.29 -8.38
CE MSE B 50 -16.20 -4.00 -7.71
N PHE B 51 -12.77 -1.20 -12.40
CA PHE B 51 -11.31 -1.13 -12.38
C PHE B 51 -10.82 -1.00 -10.96
N LEU B 52 -9.92 -1.89 -10.57
CA LEU B 52 -9.19 -1.77 -9.31
C LEU B 52 -7.98 -0.88 -9.62
N VAL B 53 -7.99 0.33 -9.08
CA VAL B 53 -6.92 1.30 -9.37
C VAL B 53 -5.93 1.38 -8.22
N SER B 54 -4.64 1.26 -8.54
CA SER B 54 -3.61 1.39 -7.54
C SER B 54 -2.53 2.36 -7.99
N ALA B 55 -2.45 3.50 -7.33
CA ALA B 55 -1.36 4.45 -7.57
C ALA B 55 -0.39 4.40 -6.40
N ASP B 56 0.86 4.11 -6.68
CA ASP B 56 1.86 4.02 -5.64
C ASP B 56 3.02 4.89 -6.07
N ILE B 57 3.09 6.06 -5.43
CA ILE B 57 3.91 7.15 -5.88
C ILE B 57 5.00 7.46 -4.85
N ILE B 58 6.24 7.47 -5.30
CA ILE B 58 7.36 7.87 -4.49
C ILE B 58 7.36 9.40 -4.38
N ALA B 59 7.23 9.92 -3.16
CA ALA B 59 7.14 11.38 -2.96
C ALA B 59 8.00 11.86 -1.79
N SER B 60 8.50 13.09 -1.91
CA SER B 60 9.26 13.73 -0.83
C SER B 60 8.75 15.13 -0.62
N ARG B 61 8.73 15.58 0.63
CA ARG B 61 8.45 16.98 0.91
C ARG B 61 9.04 17.29 2.27
N MSE B 62 9.22 18.57 2.58
CA MSE B 62 9.55 18.93 3.94
CA MSE B 62 9.52 18.99 3.94
C MSE B 62 8.37 18.55 4.81
O MSE B 62 7.22 18.70 4.40
CB MSE B 62 9.92 20.43 4.06
CB MSE B 62 9.66 20.51 4.01
CG MSE B 62 11.38 20.72 3.66
CG MSE B 62 10.79 21.02 3.16
SE MSE B 62 11.91 22.61 3.57
SE MSE B 62 12.45 20.26 3.80
CE MSE B 62 11.13 23.21 5.26
CE MSE B 62 13.41 21.91 4.18
N GLU B 63 8.68 18.00 5.99
CA GLU B 63 7.72 17.47 6.98
C GLU B 63 6.26 17.85 6.75
N GLY B 64 5.42 16.91 6.32
CA GLY B 64 4.03 17.24 6.08
C GLY B 64 3.27 16.27 5.19
N GLY B 65 2.06 16.66 4.82
CA GLY B 65 1.13 15.76 4.15
C GLY B 65 1.18 15.87 2.64
N VAL B 66 0.99 14.73 1.98
CA VAL B 66 0.87 14.62 0.53
C VAL B 66 -0.57 14.24 0.21
N VAL B 67 -1.12 14.82 -0.84
CA VAL B 67 -2.47 14.49 -1.28
C VAL B 67 -2.40 13.93 -2.69
N LEU B 68 -3.21 12.90 -2.96
CA LEU B 68 -3.33 12.31 -4.28
C LEU B 68 -4.79 12.34 -4.72
N ALA B 69 -5.02 12.75 -5.96
CA ALA B 69 -6.37 12.84 -6.49
C ALA B 69 -6.45 12.25 -7.88
N LEU B 70 -7.41 11.35 -8.08
CA LEU B 70 -7.68 10.78 -9.39
C LEU B 70 -8.88 11.51 -10.02
N VAL B 71 -8.71 12.00 -11.25
CA VAL B 71 -9.77 12.69 -11.97
C VAL B 71 -10.13 11.95 -13.26
N ARG B 72 -11.42 11.67 -13.43
CA ARG B 72 -11.90 11.06 -14.66
C ARG B 72 -12.26 12.16 -15.65
N GLU B 73 -11.82 12.05 -16.90
CA GLU B 73 -12.14 13.03 -17.94
C GLU B 73 -13.64 13.28 -18.00
N GLY B 74 -14.03 14.56 -18.06
CA GLY B 74 -15.44 14.92 -18.01
C GLY B 74 -15.95 15.38 -16.65
N ASP B 75 -15.37 14.87 -15.57
CA ASP B 75 -15.79 15.24 -14.22
C ASP B 75 -15.28 16.63 -13.83
N SER B 76 -15.86 17.18 -12.78
CA SER B 76 -15.54 18.53 -12.34
C SER B 76 -14.63 18.53 -11.11
N LYS B 77 -14.39 17.35 -10.56
CA LYS B 77 -13.63 17.18 -9.32
C LYS B 77 -13.13 15.74 -9.28
N PRO B 78 -12.25 15.40 -8.31
CA PRO B 78 -11.72 14.03 -8.25
C PRO B 78 -12.78 12.98 -7.95
N CYS B 79 -12.57 11.77 -8.44
CA CYS B 79 -13.45 10.66 -8.09
C CYS B 79 -12.82 9.82 -6.98
N ALA B 80 -11.56 10.08 -6.66
CA ALA B 80 -10.88 9.40 -5.55
C ALA B 80 -9.78 10.29 -5.00
N ILE B 81 -9.65 10.32 -3.68
CA ILE B 81 -8.66 11.16 -3.02
C ILE B 81 -8.00 10.35 -1.93
N SER B 82 -6.68 10.40 -1.87
CA SER B 82 -5.95 9.69 -0.84
C SER B 82 -4.85 10.57 -0.24
N TYR B 83 -4.18 10.06 0.80
CA TYR B 83 -3.23 10.84 1.59
C TYR B 83 -1.96 10.07 1.87
N GLY B 84 -0.83 10.78 1.85
CA GLY B 84 0.47 10.24 2.19
C GLY B 84 1.28 11.18 3.07
N TYR B 85 2.50 10.77 3.38
CA TYR B 85 3.33 11.47 4.32
C TYR B 85 4.79 11.42 3.90
N SER B 86 5.51 12.53 4.11
CA SER B 86 6.96 12.51 4.01
C SER B 86 7.59 13.38 5.09
N SER B 87 8.68 12.88 5.67
CA SER B 87 9.39 13.53 6.77
C SER B 87 10.47 14.43 6.24
N GLY B 88 10.66 14.42 4.92
CA GLY B 88 11.80 15.08 4.33
C GLY B 88 12.54 14.12 3.41
N VAL B 89 12.33 12.82 3.61
CA VAL B 89 12.92 11.82 2.73
C VAL B 89 11.81 11.06 1.97
N PRO B 90 12.13 10.52 0.78
CA PRO B 90 11.12 9.87 -0.06
C PRO B 90 10.36 8.79 0.69
N ASN B 91 9.06 8.68 0.40
CA ASN B 91 8.19 7.68 1.01
C ASN B 91 7.10 7.35 0.00
N LEU B 92 6.62 6.11 0.01
CA LEU B 92 5.55 5.73 -0.91
C LEU B 92 4.22 6.33 -0.46
N CYS B 93 3.57 7.04 -1.37
CA CYS B 93 2.28 7.65 -1.11
C CYS B 93 1.28 6.98 -2.05
N SER B 94 0.19 6.48 -1.49
CA SER B 94 -0.64 5.59 -2.27
C SER B 94 -2.09 6.05 -2.35
N LEU B 95 -2.74 5.64 -3.44
CA LEU B 95 -4.18 5.80 -3.64
C LEU B 95 -4.73 4.46 -4.12
N ARG B 96 -5.76 3.96 -3.47
CA ARG B 96 -6.42 2.72 -3.88
C ARG B 96 -7.90 2.99 -4.02
N THR B 97 -8.50 2.53 -5.11
CA THR B 97 -9.92 2.78 -5.32
C THR B 97 -10.48 1.76 -6.28
N SER B 98 -11.81 1.65 -6.29
CA SER B 98 -12.52 0.77 -7.19
C SER B 98 -13.53 1.62 -7.92
N ILE B 99 -13.41 1.71 -9.24
CA ILE B 99 -14.35 2.52 -10.01
C ILE B 99 -15.19 1.64 -10.91
N THR B 100 -16.47 2.02 -11.04
CA THR B 100 -17.42 1.25 -11.83
C THR B 100 -17.33 1.68 -13.29
N ASN B 101 -17.20 0.70 -14.17
CA ASN B 101 -17.13 0.97 -15.60
C ASN B 101 -18.53 1.14 -16.17
N THR B 102 -18.67 2.03 -17.15
CA THR B 102 -19.99 2.40 -17.64
C THR B 102 -20.21 2.04 -19.11
N GLY B 103 -19.16 1.56 -19.76
CA GLY B 103 -19.25 1.21 -21.17
C GLY B 103 -18.05 0.42 -21.65
N LEU B 104 -17.87 0.38 -22.96
CA LEU B 104 -16.73 -0.32 -23.55
C LEU B 104 -15.92 0.65 -24.41
N THR B 105 -16.09 1.93 -24.12
CA THR B 105 -15.39 3.01 -24.81
C THR B 105 -14.16 3.47 -23.99
N PRO B 106 -13.11 3.98 -24.66
CA PRO B 106 -11.90 4.42 -23.96
C PRO B 106 -12.20 5.55 -22.98
N THR B 107 -11.57 5.51 -21.81
CA THR B 107 -11.78 6.55 -20.79
C THR B 107 -10.44 7.02 -20.23
N THR B 108 -10.29 8.34 -20.10
CA THR B 108 -9.02 8.89 -19.68
C THR B 108 -9.05 9.40 -18.23
N TYR B 109 -8.02 9.03 -17.47
CA TYR B 109 -7.90 9.45 -16.08
C TYR B 109 -6.62 10.26 -15.89
N SER B 110 -6.63 11.14 -14.90
CA SER B 110 -5.52 12.01 -14.60
C SER B 110 -5.21 11.87 -13.11
N LEU B 111 -3.95 11.69 -12.77
CA LEU B 111 -3.56 11.62 -11.37
C LEU B 111 -2.78 12.89 -10.99
N ARG B 112 -3.25 13.57 -9.95
CA ARG B 112 -2.63 14.79 -9.46
C ARG B 112 -2.10 14.58 -8.06
N VAL B 113 -0.93 15.15 -7.79
CA VAL B 113 -0.26 15.07 -6.50
C VAL B 113 0.11 16.47 -6.04
N GLY B 114 -0.04 16.73 -4.75
CA GLY B 114 0.34 18.02 -4.21
C GLY B 114 0.40 18.01 -2.69
N GLY B 115 0.85 19.13 -2.12
CA GLY B 115 0.97 19.26 -0.68
C GLY B 115 -0.38 19.44 -0.03
N LEU B 116 -0.52 18.88 1.17
CA LEU B 116 -1.69 19.17 2.00
C LEU B 116 -1.57 20.60 2.51
N GLU B 117 -2.33 21.49 1.89
CA GLU B 117 -2.44 22.92 2.28
C GLU B 117 -1.24 23.81 2.09
N SER B 118 -0.03 23.26 2.18
CA SER B 118 1.18 24.02 1.92
C SER B 118 2.31 23.04 1.66
N GLY B 119 3.39 23.52 1.04
CA GLY B 119 4.54 22.69 0.80
C GLY B 119 4.62 22.12 -0.62
N VAL B 120 5.81 22.18 -1.18
CA VAL B 120 6.11 21.58 -2.47
C VAL B 120 6.44 20.11 -2.29
N VAL B 121 5.85 19.27 -3.13
CA VAL B 121 6.13 17.84 -3.15
C VAL B 121 6.90 17.50 -4.43
N TRP B 122 7.96 16.71 -4.30
CA TRP B 122 8.66 16.16 -5.47
C TRP B 122 8.28 14.68 -5.64
N VAL B 123 7.97 14.29 -6.86
CA VAL B 123 7.69 12.90 -7.16
C VAL B 123 8.91 12.30 -7.86
N ASN B 124 9.27 11.07 -7.48
CA ASN B 124 10.45 10.34 -7.98
C ASN B 124 11.78 11.03 -7.75
N ALA B 125 11.88 11.79 -6.68
CA ALA B 125 13.05 12.63 -6.47
C ALA B 125 13.16 12.99 -5.00
N LEU B 126 14.34 13.46 -4.60
CA LEU B 126 14.50 14.13 -3.32
C LEU B 126 13.84 15.51 -3.39
N SER B 127 13.72 16.14 -2.23
CA SER B 127 13.02 17.43 -2.13
C SER B 127 13.75 18.60 -2.78
N ASN B 128 14.93 18.35 -3.34
CA ASN B 128 15.65 19.35 -4.09
C ASN B 128 15.69 18.96 -5.55
N GLY B 129 14.93 17.92 -5.91
CA GLY B 129 14.88 17.44 -7.28
C GLY B 129 16.03 16.54 -7.71
N ASN B 130 16.93 16.20 -6.80
CA ASN B 130 18.00 15.25 -7.13
C ASN B 130 17.41 13.85 -7.30
N ASP B 131 18.08 13.02 -8.10
CA ASP B 131 17.72 11.61 -8.14
C ASP B 131 17.95 10.93 -6.79
N ILE B 132 16.99 10.13 -6.36
CA ILE B 132 17.12 9.33 -5.14
C ILE B 132 18.15 8.23 -5.36
N LEU B 133 19.14 8.17 -4.46
CA LEU B 133 20.23 7.22 -4.58
C LEU B 133 20.98 7.34 -5.90
N GLY B 134 20.81 8.48 -6.57
CA GLY B 134 21.51 8.76 -7.81
C GLY B 134 21.00 8.00 -9.02
N ILE B 135 19.80 7.43 -8.94
CA ILE B 135 19.25 6.70 -10.07
C ILE B 135 17.85 7.18 -10.43
N THR B 136 17.38 6.79 -11.61
CA THR B 136 15.99 6.98 -11.99
C THR B 136 15.10 6.07 -11.16
N ASN B 137 14.02 6.62 -10.60
CA ASN B 137 13.09 5.84 -9.80
C ASN B 137 11.73 5.75 -10.46
N THR B 138 10.94 4.75 -10.07
CA THR B 138 9.68 4.49 -10.75
C THR B 138 8.47 4.46 -9.81
N SER B 139 7.47 5.29 -10.12
CA SER B 139 6.18 5.21 -9.49
C SER B 139 5.23 4.50 -10.46
N ASN B 140 4.19 3.87 -9.94
CA ASN B 140 3.30 3.08 -10.79
C ASN B 140 1.83 3.39 -10.55
N VAL B 141 1.05 3.35 -11.63
CA VAL B 141 -0.39 3.44 -11.53
C VAL B 141 -0.97 2.29 -12.35
N SER B 142 -1.72 1.40 -11.70
CA SER B 142 -2.27 0.28 -12.46
C SER B 142 -3.79 0.22 -12.41
N PHE B 143 -4.37 -0.40 -13.44
CA PHE B 143 -5.82 -0.53 -13.61
C PHE B 143 -6.09 -2.01 -13.88
N LEU B 144 -6.73 -2.69 -12.94
CA LEU B 144 -7.03 -4.10 -13.11
C LEU B 144 -8.53 -4.28 -13.23
N GLU B 145 -8.98 -4.72 -14.40
CA GLU B 145 -10.42 -4.91 -14.62
C GLU B 145 -10.92 -6.18 -13.94
N VAL B 146 -11.95 -6.05 -13.10
CA VAL B 146 -12.52 -7.19 -12.38
C VAL B 146 -14.05 -7.15 -12.38
N ILE B 147 -14.65 -8.32 -12.16
CA ILE B 147 -16.12 -8.43 -12.10
C ILE B 147 -16.61 -8.63 -10.66
N PRO B 148 -17.38 -7.66 -10.14
CA PRO B 148 -17.86 -7.56 -8.75
C PRO B 148 -18.96 -8.52 -8.30
N GLN B 149 -19.18 -8.52 -6.99
CA GLN B 149 -20.37 -9.10 -6.38
C GLN B 149 -21.17 -7.98 -5.73
N LYS C 6 -14.05 -15.82 -10.23
CA LYS C 6 -14.30 -15.92 -8.80
C LYS C 6 -14.97 -14.66 -8.24
N ALA C 7 -14.54 -14.23 -7.07
CA ALA C 7 -15.17 -13.10 -6.42
C ALA C 7 -14.26 -11.88 -6.31
N PHE C 8 -14.84 -10.70 -6.55
CA PHE C 8 -14.26 -9.45 -6.06
C PHE C 8 -15.34 -8.67 -5.31
N ASN C 9 -14.98 -8.17 -4.13
CA ASN C 9 -15.88 -7.34 -3.33
C ASN C 9 -15.13 -6.12 -2.82
N ASN C 10 -15.65 -4.92 -3.07
CA ASN C 10 -15.10 -3.72 -2.43
C ASN C 10 -16.08 -3.11 -1.44
N PHE C 11 -15.58 -2.69 -0.28
CA PHE C 11 -16.41 -2.07 0.73
C PHE C 11 -15.88 -0.68 1.07
N PRO C 12 -16.46 0.36 0.47
CA PRO C 12 -16.06 1.72 0.84
C PRO C 12 -16.50 2.07 2.26
N ILE C 13 -15.67 2.83 2.96
CA ILE C 13 -16.01 3.38 4.26
C ILE C 13 -15.88 4.89 4.21
N THR C 14 -17.01 5.61 4.22
CA THR C 14 -16.99 7.07 4.14
C THR C 14 -17.28 7.73 5.48
N ASN C 15 -17.80 6.96 6.45
CA ASN C 15 -18.03 7.50 7.80
C ASN C 15 -16.75 7.99 8.47
N LYS C 16 -16.87 9.04 9.25
CA LYS C 16 -15.83 9.48 10.16
C LYS C 16 -15.95 8.56 11.37
N ILE C 17 -14.84 8.07 11.90
CA ILE C 17 -14.90 7.25 13.12
C ILE C 17 -13.88 7.70 14.16
N GLN C 18 -14.36 8.00 15.35
CA GLN C 18 -13.47 8.31 16.45
C GLN C 18 -13.04 6.99 17.09
N CYS C 19 -11.78 6.62 16.90
CA CYS C 19 -11.29 5.35 17.41
C CYS C 19 -10.55 5.57 18.72
N ASN C 20 -11.29 5.58 19.83
CA ASN C 20 -10.62 5.74 21.12
C ASN C 20 -10.21 4.42 21.76
N GLY C 21 -10.54 3.31 21.09
CA GLY C 21 -10.13 2.00 21.56
C GLY C 21 -8.66 1.76 21.24
N LEU C 22 -7.86 1.45 22.26
CA LEU C 22 -6.42 1.27 22.10
C LEU C 22 -6.04 -0.17 21.78
N PHE C 23 -4.87 -0.35 21.20
CA PHE C 23 -4.28 -1.69 21.10
C PHE C 23 -3.09 -1.78 22.06
N THR C 24 -3.08 -2.84 22.87
CA THR C 24 -2.05 -3.00 23.90
C THR C 24 -1.57 -4.45 23.93
N PRO C 25 -0.44 -4.71 24.60
CA PRO C 25 0.00 -6.11 24.66
C PRO C 25 -1.04 -7.00 25.35
N SER C 26 -1.86 -6.41 26.21
CA SER C 26 -2.91 -7.13 26.92
C SER C 26 -4.11 -7.49 26.05
N ASN C 27 -4.52 -6.60 25.16
CA ASN C 27 -5.73 -6.85 24.36
C ASN C 27 -5.54 -7.27 22.89
N ILE C 28 -4.30 -7.22 22.40
CA ILE C 28 -4.02 -7.46 20.99
C ILE C 28 -4.51 -8.83 20.50
N GLU C 29 -4.32 -9.87 21.32
CA GLU C 29 -4.88 -11.18 20.99
C GLU C 29 -6.23 -11.45 21.67
N THR C 30 -7.10 -10.44 21.68
CA THR C 30 -8.46 -10.60 22.16
C THR C 30 -9.42 -10.00 21.14
N LEU C 31 -10.66 -9.77 21.54
CA LEU C 31 -11.62 -9.11 20.65
C LEU C 31 -11.87 -7.68 21.08
N LEU C 32 -11.11 -7.22 22.06
CA LEU C 32 -11.37 -5.92 22.71
C LEU C 32 -10.51 -4.77 22.20
N GLY C 33 -9.50 -5.07 21.39
CA GLY C 33 -8.60 -4.03 20.90
C GLY C 33 -9.21 -3.11 19.87
N GLY C 34 -8.84 -1.83 19.94
CA GLY C 34 -9.28 -0.84 18.96
C GLY C 34 -10.77 -0.60 18.91
N THR C 35 -11.21 -0.03 17.80
CA THR C 35 -12.60 0.36 17.57
C THR C 35 -13.00 -0.16 16.22
N GLU C 36 -14.17 -0.79 16.12
CA GLU C 36 -14.61 -1.31 14.84
C GLU C 36 -14.97 -0.19 13.89
N ILE C 37 -14.49 -0.27 12.65
CA ILE C 37 -14.83 0.74 11.64
C ILE C 37 -15.61 0.15 10.49
N GLY C 38 -15.72 -1.18 10.44
CA GLY C 38 -16.52 -1.80 9.41
C GLY C 38 -16.66 -3.31 9.57
N LYS C 39 -17.69 -3.86 8.94
CA LYS C 39 -17.95 -5.30 8.88
C LYS C 39 -18.22 -5.66 7.45
N PHE C 40 -17.78 -6.84 7.03
CA PHE C 40 -17.84 -7.21 5.63
C PHE C 40 -18.14 -8.70 5.49
N THR C 41 -19.22 -9.02 4.79
CA THR C 41 -19.56 -10.43 4.57
C THR C 41 -19.23 -10.83 3.14
N VAL C 42 -18.40 -11.87 3.02
CA VAL C 42 -17.98 -12.36 1.72
C VAL C 42 -18.17 -13.86 1.62
N THR C 43 -18.37 -14.35 0.41
CA THR C 43 -18.58 -15.78 0.18
C THR C 43 -17.64 -16.25 -0.90
N PRO C 44 -16.79 -17.24 -0.58
CA PRO C 44 -15.93 -17.77 -1.63
C PRO C 44 -16.77 -18.48 -2.67
N LYS C 45 -16.35 -18.42 -3.92
CA LYS C 45 -17.06 -19.07 -5.01
C LYS C 45 -16.34 -20.37 -5.29
N SER C 46 -15.09 -20.45 -4.85
CA SER C 46 -14.21 -21.52 -5.28
C SER C 46 -13.57 -22.26 -4.12
N SER C 47 -13.52 -23.58 -4.25
CA SER C 47 -12.85 -24.42 -3.27
C SER C 47 -11.36 -24.20 -3.38
N GLY C 48 -10.67 -24.20 -2.25
CA GLY C 48 -9.22 -24.11 -2.25
C GLY C 48 -8.65 -22.75 -2.66
N SER C 49 -9.47 -21.71 -2.58
CA SER C 49 -9.02 -20.39 -3.00
C SER C 49 -8.51 -19.58 -1.80
N MSE C 50 -7.95 -18.42 -2.09
CA MSE C 50 -7.61 -17.46 -1.06
CA MSE C 50 -7.56 -17.43 -1.09
C MSE C 50 -8.34 -16.14 -1.28
O MSE C 50 -8.66 -15.78 -2.40
CB MSE C 50 -6.10 -17.21 -0.99
CB MSE C 50 -6.06 -17.07 -1.22
CG MSE C 50 -5.36 -18.30 -0.25
CG MSE C 50 -5.11 -18.18 -0.80
SE MSE C 50 -3.55 -17.80 0.26
SE MSE C 50 -3.26 -17.62 -1.08
CE MSE C 50 -2.74 -17.77 -1.50
CE MSE C 50 -2.35 -19.06 -0.13
N PHE C 51 -8.61 -15.44 -0.19
CA PHE C 51 -9.03 -14.04 -0.28
C PHE C 51 -7.81 -13.16 -0.06
N LEU C 52 -7.45 -12.38 -1.07
CA LEU C 52 -6.45 -11.34 -0.93
C LEU C 52 -7.18 -10.11 -0.40
N VAL C 53 -6.86 -9.72 0.82
CA VAL C 53 -7.56 -8.64 1.48
C VAL C 53 -6.68 -7.41 1.60
N SER C 54 -7.24 -6.26 1.23
CA SER C 54 -6.53 -4.99 1.28
C SER C 54 -7.40 -3.96 1.99
N ALA C 55 -6.97 -3.51 3.16
CA ALA C 55 -7.65 -2.43 3.84
C ALA C 55 -6.76 -1.21 3.71
N ASP C 56 -7.29 -0.12 3.15
CA ASP C 56 -6.54 1.10 2.97
C ASP C 56 -7.33 2.24 3.60
N ILE C 57 -6.88 2.66 4.77
CA ILE C 57 -7.68 3.46 5.69
C ILE C 57 -6.99 4.80 5.91
N ILE C 58 -7.71 5.88 5.61
CA ILE C 58 -7.23 7.23 5.88
C ILE C 58 -7.39 7.48 7.38
N ALA C 59 -6.29 7.82 8.06
CA ALA C 59 -6.32 7.97 9.51
C ALA C 59 -5.36 9.06 9.98
N SER C 60 -5.74 9.74 11.07
CA SER C 60 -4.90 10.75 11.69
C SER C 60 -4.82 10.53 13.19
N ARG C 61 -3.72 10.96 13.78
CA ARG C 61 -3.60 11.00 15.22
C ARG C 61 -2.45 11.93 15.52
N MSE C 62 -2.42 12.45 16.75
CA MSE C 62 -1.23 13.14 17.21
CA MSE C 62 -1.24 13.15 17.22
C MSE C 62 -0.09 12.14 17.15
O MSE C 62 -0.30 10.96 17.45
CB MSE C 62 -1.42 13.67 18.64
CB MSE C 62 -1.42 13.66 18.65
CG MSE C 62 -2.40 14.82 18.72
CG MSE C 62 -2.61 14.62 18.77
SE MSE C 62 -2.51 15.53 20.52
SE MSE C 62 -2.41 16.22 17.68
CE MSE C 62 -0.66 15.21 21.08
CE MSE C 62 -0.84 16.99 18.56
N GLU C 63 1.09 12.61 16.75
CA GLU C 63 2.30 11.83 16.52
C GLU C 63 2.35 10.42 17.15
N GLY C 64 2.26 9.38 16.32
CA GLY C 64 2.35 8.04 16.84
C GLY C 64 1.85 6.95 15.91
N GLY C 65 1.75 5.73 16.44
CA GLY C 65 1.34 4.57 15.67
C GLY C 65 -0.14 4.25 15.62
N VAL C 66 -0.54 3.67 14.50
CA VAL C 66 -1.91 3.22 14.25
C VAL C 66 -1.85 1.69 14.10
N VAL C 67 -2.78 0.98 14.73
CA VAL C 67 -2.87 -0.46 14.57
C VAL C 67 -4.19 -0.82 13.87
N LEU C 68 -4.12 -1.78 12.94
CA LEU C 68 -5.32 -2.29 12.26
C LEU C 68 -5.42 -3.78 12.55
N ALA C 69 -6.62 -4.25 12.87
CA ALA C 69 -6.81 -5.68 13.15
C ALA C 69 -8.05 -6.21 12.45
N LEU C 70 -7.88 -7.30 11.69
CA LEU C 70 -9.00 -7.92 10.99
C LEU C 70 -9.42 -9.14 11.77
N VAL C 71 -10.72 -9.23 12.09
CA VAL C 71 -11.26 -10.32 12.90
C VAL C 71 -12.31 -11.11 12.12
N ARG C 72 -12.12 -12.42 12.02
CA ARG C 72 -13.15 -13.31 11.48
C ARG C 72 -14.16 -13.58 12.57
N GLU C 73 -15.43 -13.33 12.27
CA GLU C 73 -16.49 -13.46 13.27
C GLU C 73 -16.57 -14.91 13.69
N GLY C 74 -16.51 -15.16 15.00
CA GLY C 74 -16.44 -16.52 15.49
C GLY C 74 -15.07 -16.87 16.05
N ASP C 75 -14.04 -16.13 15.63
CA ASP C 75 -12.70 -16.29 16.21
C ASP C 75 -12.60 -15.51 17.50
N SER C 76 -11.57 -15.79 18.29
CA SER C 76 -11.40 -15.12 19.57
C SER C 76 -10.27 -14.08 19.55
N LYS C 77 -9.64 -13.92 18.39
CA LYS C 77 -8.56 -12.94 18.22
C LYS C 77 -8.38 -12.62 16.73
N PRO C 78 -7.62 -11.56 16.40
CA PRO C 78 -7.50 -11.18 14.98
C PRO C 78 -6.80 -12.24 14.15
N CYS C 79 -7.12 -12.33 12.86
CA CYS C 79 -6.42 -13.23 11.95
C CYS C 79 -5.34 -12.49 11.15
N ALA C 80 -5.36 -11.16 11.23
CA ALA C 80 -4.31 -10.34 10.61
C ALA C 80 -4.19 -9.01 11.33
N ILE C 81 -2.95 -8.55 11.50
CA ILE C 81 -2.67 -7.32 12.19
C ILE C 81 -1.65 -6.53 11.38
N SER C 82 -1.90 -5.23 11.20
CA SER C 82 -0.93 -4.41 10.50
C SER C 82 -0.75 -3.08 11.22
N TYR C 83 0.15 -2.23 10.71
CA TYR C 83 0.59 -1.02 11.40
C TYR C 83 0.70 0.15 10.45
N GLY C 84 0.27 1.32 10.92
CA GLY C 84 0.45 2.55 10.17
C GLY C 84 0.99 3.64 11.06
N TYR C 85 1.06 4.85 10.52
CA TYR C 85 1.68 5.97 11.21
C TYR C 85 1.04 7.29 10.82
N SER C 86 0.89 8.17 11.81
CA SER C 86 0.52 9.55 11.50
C SER C 86 1.35 10.52 12.34
N SER C 87 1.81 11.59 11.69
CA SER C 87 2.59 12.63 12.36
C SER C 87 1.68 13.71 12.95
N GLY C 88 0.38 13.55 12.80
CA GLY C 88 -0.57 14.63 13.04
C GLY C 88 -1.42 14.86 11.79
N VAL C 89 -0.79 14.76 10.62
CA VAL C 89 -1.53 14.90 9.37
C VAL C 89 -2.05 13.53 8.90
N PRO C 90 -3.13 13.51 8.10
CA PRO C 90 -3.71 12.24 7.63
C PRO C 90 -2.72 11.43 6.82
N ASN C 91 -2.74 10.12 7.00
CA ASN C 91 -1.89 9.22 6.23
C ASN C 91 -2.67 7.95 5.92
N LEU C 92 -2.32 7.28 4.83
CA LEU C 92 -2.94 6.00 4.52
C LEU C 92 -2.33 4.94 5.40
N CYS C 93 -3.19 4.23 6.14
CA CYS C 93 -2.76 3.13 7.00
C CYS C 93 -3.37 1.85 6.45
N SER C 94 -2.50 0.85 6.22
CA SER C 94 -2.89 -0.29 5.40
C SER C 94 -2.71 -1.65 6.07
N LEU C 95 -3.55 -2.59 5.66
CA LEU C 95 -3.42 -3.99 6.03
C LEU C 95 -3.52 -4.84 4.77
N ARG C 96 -2.60 -5.77 4.62
CA ARG C 96 -2.62 -6.72 3.52
C ARG C 96 -2.56 -8.11 4.11
N THR C 97 -3.37 -9.03 3.60
CA THR C 97 -3.30 -10.42 4.03
C THR C 97 -3.93 -11.31 2.97
N SER C 98 -3.52 -12.57 2.96
CA SER C 98 -4.08 -13.58 2.08
C SER C 98 -4.67 -14.67 2.96
N ILE C 99 -5.98 -14.81 2.95
CA ILE C 99 -6.65 -15.75 3.83
C ILE C 99 -6.99 -17.02 3.08
N THR C 100 -6.57 -18.18 3.59
CA THR C 100 -6.97 -19.45 2.97
C THR C 100 -8.45 -19.70 3.27
N ASN C 101 -9.26 -19.88 2.22
CA ASN C 101 -10.68 -20.15 2.39
C ASN C 101 -10.98 -21.61 2.76
N THR C 102 -11.91 -21.82 3.68
CA THR C 102 -12.19 -23.16 4.21
C THR C 102 -13.53 -23.71 3.75
N GLY C 103 -14.04 -23.22 2.63
CA GLY C 103 -15.30 -23.70 2.10
C GLY C 103 -16.02 -22.66 1.24
N LEU C 104 -17.35 -22.77 1.20
CA LEU C 104 -18.16 -21.83 0.42
C LEU C 104 -19.20 -21.14 1.30
N THR C 105 -18.97 -21.19 2.61
CA THR C 105 -19.84 -20.54 3.58
C THR C 105 -19.56 -19.03 3.65
N PRO C 106 -20.63 -18.21 3.63
CA PRO C 106 -20.46 -16.77 3.80
C PRO C 106 -19.77 -16.47 5.13
N THR C 107 -18.76 -15.59 5.10
CA THR C 107 -17.98 -15.32 6.30
C THR C 107 -17.95 -13.82 6.56
N THR C 108 -18.15 -13.44 7.81
CA THR C 108 -18.15 -12.03 8.17
C THR C 108 -16.84 -11.63 8.87
N TYR C 109 -16.21 -10.59 8.35
CA TYR C 109 -15.00 -10.04 8.94
C TYR C 109 -15.26 -8.66 9.49
N SER C 110 -14.54 -8.33 10.57
CA SER C 110 -14.61 -7.03 11.20
C SER C 110 -13.21 -6.39 11.17
N LEU C 111 -13.14 -5.12 10.76
CA LEU C 111 -11.87 -4.39 10.83
C LEU C 111 -11.86 -3.40 12.00
N ARG C 112 -10.87 -3.52 12.87
CA ARG C 112 -10.76 -2.62 14.01
C ARG C 112 -9.52 -1.75 13.88
N VAL C 113 -9.63 -0.47 14.29
CA VAL C 113 -8.50 0.46 14.22
C VAL C 113 -8.32 1.12 15.57
N GLY C 114 -7.07 1.38 15.96
CA GLY C 114 -6.83 2.01 17.24
C GLY C 114 -5.39 2.43 17.39
N GLY C 115 -5.13 3.23 18.41
CA GLY C 115 -3.78 3.68 18.66
C GLY C 115 -2.87 2.57 19.15
N LEU C 116 -1.61 2.64 18.74
CA LEU C 116 -0.58 1.76 19.26
C LEU C 116 -0.25 2.20 20.69
N GLU C 117 -0.79 1.49 21.68
CA GLU C 117 -0.52 1.72 23.11
C GLU C 117 -1.17 2.97 23.73
N SER C 118 -1.31 4.04 22.96
CA SER C 118 -1.96 5.24 23.46
C SER C 118 -2.37 6.14 22.33
N GLY C 119 -3.20 7.15 22.63
CA GLY C 119 -3.62 8.12 21.63
C GLY C 119 -4.92 7.76 20.95
N VAL C 120 -5.66 8.78 20.55
CA VAL C 120 -6.93 8.60 19.85
C VAL C 120 -6.68 8.68 18.34
N VAL C 121 -7.23 7.73 17.59
CA VAL C 121 -7.07 7.72 16.14
C VAL C 121 -8.38 8.11 15.48
N TRP C 122 -8.31 9.02 14.52
CA TRP C 122 -9.47 9.36 13.73
C TRP C 122 -9.40 8.74 12.33
N VAL C 123 -10.46 8.05 11.94
CA VAL C 123 -10.55 7.53 10.59
C VAL C 123 -11.40 8.46 9.72
N ASN C 124 -10.89 8.76 8.52
CA ASN C 124 -11.57 9.66 7.58
C ASN C 124 -11.71 11.10 8.13
N ALA C 125 -10.74 11.53 8.92
CA ALA C 125 -10.77 12.87 9.49
C ALA C 125 -9.37 13.29 9.91
N LEU C 126 -9.23 14.57 10.22
CA LEU C 126 -8.00 15.13 10.76
C LEU C 126 -7.85 14.68 12.21
N SER C 127 -6.74 15.04 12.84
CA SER C 127 -6.42 14.51 14.16
C SER C 127 -7.31 15.09 15.26
N ASN C 128 -8.15 16.07 14.91
CA ASN C 128 -9.11 16.64 15.85
C ASN C 128 -10.54 16.29 15.46
N GLY C 129 -10.71 15.38 14.50
CA GLY C 129 -12.03 14.97 14.09
C GLY C 129 -12.70 15.83 13.02
N ASN C 130 -12.08 16.93 12.64
CA ASN C 130 -12.60 17.75 11.53
C ASN C 130 -12.40 17.10 10.16
N ASP C 131 -13.29 17.38 9.21
CA ASP C 131 -13.17 16.89 7.84
C ASP C 131 -11.83 17.29 7.21
N ILE C 132 -11.14 16.32 6.64
CA ILE C 132 -9.92 16.60 5.88
C ILE C 132 -10.24 17.44 4.64
N LEU C 133 -9.61 18.61 4.55
CA LEU C 133 -9.84 19.54 3.42
C LEU C 133 -11.33 19.94 3.32
N GLY C 134 -12.03 19.78 4.42
CA GLY C 134 -13.42 20.19 4.54
C GLY C 134 -14.40 19.34 3.78
N ILE C 135 -14.01 18.11 3.44
CA ILE C 135 -14.89 17.25 2.65
C ILE C 135 -15.05 15.85 3.24
N THR C 136 -15.98 15.10 2.67
CA THR C 136 -16.12 13.66 2.96
C THR C 136 -14.99 12.91 2.27
N ASN C 137 -14.33 12.02 3.02
CA ASN C 137 -13.28 11.18 2.46
C ASN C 137 -13.63 9.70 2.49
N THR C 138 -12.95 8.90 1.69
CA THR C 138 -13.30 7.50 1.49
C THR C 138 -12.11 6.57 1.72
N SER C 139 -12.28 5.63 2.62
CA SER C 139 -11.32 4.54 2.85
C SER C 139 -11.93 3.30 2.21
N ASN C 140 -11.13 2.27 1.99
CA ASN C 140 -11.60 1.09 1.27
C ASN C 140 -11.10 -0.22 1.85
N VAL C 141 -11.97 -1.22 1.86
CA VAL C 141 -11.55 -2.60 2.17
C VAL C 141 -12.03 -3.50 1.04
N SER C 142 -11.11 -4.21 0.42
CA SER C 142 -11.48 -5.06 -0.70
C SER C 142 -11.07 -6.52 -0.48
N PHE C 143 -11.84 -7.44 -1.06
CA PHE C 143 -11.56 -8.87 -0.99
C PHE C 143 -11.52 -9.40 -2.42
N LEU C 144 -10.39 -9.95 -2.80
CA LEU C 144 -10.25 -10.50 -4.15
C LEU C 144 -9.95 -12.00 -4.06
N GLU C 145 -10.86 -12.83 -4.57
CA GLU C 145 -10.64 -14.27 -4.51
C GLU C 145 -9.71 -14.74 -5.63
N VAL C 146 -8.65 -15.45 -5.26
CA VAL C 146 -7.67 -15.94 -6.23
C VAL C 146 -7.36 -17.41 -5.96
N ILE C 147 -6.94 -18.13 -7.00
CA ILE C 147 -6.48 -19.52 -6.83
C ILE C 147 -4.96 -19.55 -6.81
N PRO C 148 -4.38 -19.96 -5.66
CA PRO C 148 -2.92 -20.01 -5.56
C PRO C 148 -2.35 -21.17 -6.38
N GLN C 149 -1.19 -20.96 -6.96
CA GLN C 149 -0.57 -21.95 -7.84
C GLN C 149 0.19 -23.02 -7.08
N THR C 150 -0.07 -24.28 -7.42
CA THR C 150 0.73 -25.37 -6.89
C THR C 150 2.13 -25.32 -7.51
N ASN C 151 3.15 -25.19 -6.68
CA ASN C 151 4.52 -25.03 -7.20
C ASN C 151 5.21 -26.39 -7.46
N ALA C 152 5.71 -26.56 -8.68
CA ALA C 152 6.33 -27.82 -9.08
C ALA C 152 7.68 -28.01 -8.39
K K D . 7.92 12.23 11.79
C1 GOL E . 9.98 -17.12 3.86
O1 GOL E . 11.16 -16.88 4.62
C2 GOL E . 10.24 -16.78 2.40
O2 GOL E . 11.63 -16.54 2.19
C3 GOL E . 9.78 -17.91 1.48
O3 GOL E . 8.43 -18.26 1.75
#